data_9F69
#
_entry.id   9F69
#
_cell.length_a   48.466
_cell.length_b   48.466
_cell.length_c   341.862
_cell.angle_alpha   90.000
_cell.angle_beta   90.000
_cell.angle_gamma   120.000
#
_symmetry.space_group_name_H-M   'P 61 2 2'
#
loop_
_entity.id
_entity.type
_entity.pdbx_description
1 polymer 'Triosephosphate isomerase'
2 non-polymer 'METHYLMALONIC ACID'
3 non-polymer 'BROMIDE ION'
4 water water
#
_entity_poly.entity_id   1
_entity_poly.type   'polypeptide(L)'
_entity_poly.pdbx_seq_one_letter_code
;RKFFVGGNWKMNGRKQSLGELIGTLNAAKVPADTEVVCAPPTAYIDFARQKLDPKIAVAAQNCYKVTNGAFTGEISPGMI
KDCGATWVVLGHSERRHVFGESDELIGQKVAHALAEGLGVIACIGEKLDEREAGITEKVVFEQTKVIADNVKDWSKVVLA
YEPVWAIGTGKTATPQQAQEVHEKLRGWLKSNVSDAVAQSTRIIYGGSVTGATCKELASQPDVDGFLVGGASLKPEFVDI
INAKQ
;
_entity_poly.pdbx_strand_id   A
#
loop_
_chem_comp.id
_chem_comp.type
_chem_comp.name
_chem_comp.formula
BR non-polymer 'BROMIDE ION' 'Br -1'
DXX non-polymer 'METHYLMALONIC ACID' 'C4 H6 O4'
#
# COMPACT_ATOMS: atom_id res chain seq x y z
N ARG A 1 0.04 8.98 -14.68
CA ARG A 1 -0.44 8.10 -13.62
C ARG A 1 -1.21 8.87 -12.57
N LYS A 2 -2.40 8.37 -12.24
CA LYS A 2 -3.23 8.97 -11.19
C LYS A 2 -2.56 8.86 -9.83
N PHE A 3 -2.38 10.01 -9.17
CA PHE A 3 -1.80 10.05 -7.84
C PHE A 3 -2.66 9.21 -6.89
N PHE A 4 -2.01 8.42 -6.05
CA PHE A 4 -2.71 7.41 -5.24
C PHE A 4 -2.30 7.58 -3.79
N VAL A 5 -3.28 7.80 -2.91
CA VAL A 5 -2.97 7.99 -1.50
C VAL A 5 -3.77 6.97 -0.68
N GLY A 6 -3.07 6.02 -0.09
CA GLY A 6 -3.66 5.04 0.79
C GLY A 6 -3.41 5.40 2.25
N GLY A 7 -4.44 5.21 3.06
CA GLY A 7 -4.31 5.42 4.50
C GLY A 7 -4.46 4.09 5.21
N ASN A 8 -3.37 3.59 5.77
CA ASN A 8 -3.36 2.30 6.48
C ASN A 8 -3.55 2.60 7.96
N TRP A 9 -4.77 2.37 8.46
CA TRP A 9 -5.06 2.66 9.86
C TRP A 9 -4.37 1.67 10.79
N LYS A 10 -3.84 0.57 10.26
CA LYS A 10 -3.16 -0.44 11.08
C LYS A 10 -4.11 -0.88 12.21
N MET A 11 -3.57 -1.24 13.37
CA MET A 11 -4.41 -1.76 14.46
C MET A 11 -4.74 -0.59 15.37
N ASN A 12 -5.60 0.30 14.88
CA ASN A 12 -5.99 1.49 15.61
C ASN A 12 -7.45 1.78 15.30
N GLY A 13 -8.14 2.31 16.28
CA GLY A 13 -9.48 2.83 16.10
C GLY A 13 -10.53 1.99 16.84
N ARG A 14 -11.63 2.67 17.19
CA ARG A 14 -12.87 2.06 17.62
C ARG A 14 -13.98 2.75 16.84
N LYS A 15 -15.21 2.24 16.93
CA LYS A 15 -16.27 2.85 16.12
C LYS A 15 -16.38 4.37 16.31
N GLN A 16 -16.32 4.87 17.55
CA GLN A 16 -16.55 6.31 17.73
C GLN A 16 -15.48 7.13 17.04
N SER A 17 -14.21 6.78 17.27
CA SER A 17 -13.14 7.56 16.70
C SER A 17 -12.99 7.32 15.21
N LEU A 18 -13.28 6.10 14.73
CA LEU A 18 -13.21 5.87 13.29
C LEU A 18 -14.35 6.59 12.58
N GLY A 19 -15.52 6.63 13.20
CA GLY A 19 -16.59 7.45 12.64
C GLY A 19 -16.19 8.90 12.52
N GLU A 20 -15.51 9.43 13.53
CA GLU A 20 -15.03 10.80 13.50
C GLU A 20 -14.03 11.00 12.36
N LEU A 21 -13.04 10.12 12.27
CA LEU A 21 -12.05 10.18 11.19
C LEU A 21 -12.72 10.14 9.82
N ILE A 22 -13.71 9.26 9.68
CA ILE A 22 -14.44 9.12 8.42
C ILE A 22 -15.19 10.40 8.07
N GLY A 23 -15.79 11.07 9.05
CA GLY A 23 -16.41 12.36 8.81
C GLY A 23 -15.43 13.37 8.25
N THR A 24 -14.23 13.41 8.82
CA THR A 24 -13.21 14.33 8.33
C THR A 24 -12.80 13.97 6.90
N LEU A 25 -12.66 12.68 6.61
CA LEU A 25 -12.24 12.28 5.28
C LEU A 25 -13.32 12.53 4.26
N ASN A 26 -14.57 12.23 4.61
CA ASN A 26 -15.67 12.47 3.68
C ASN A 26 -15.75 13.95 3.32
N ALA A 27 -15.47 14.83 4.28
CA ALA A 27 -15.54 16.27 4.05
C ALA A 27 -14.38 16.79 3.22
N ALA A 28 -13.32 16.02 3.03
CA ALA A 28 -12.21 16.49 2.21
C ALA A 28 -12.67 16.66 0.75
N LYS A 29 -12.10 17.65 0.10
CA LYS A 29 -12.27 17.80 -1.34
C LYS A 29 -11.13 17.06 -2.01
N VAL A 30 -11.43 15.89 -2.58
CA VAL A 30 -10.41 15.08 -3.24
C VAL A 30 -10.08 15.79 -4.54
N PRO A 31 -8.82 16.16 -4.77
CA PRO A 31 -8.49 16.87 -6.01
C PRO A 31 -8.61 15.96 -7.22
N ALA A 32 -8.64 16.60 -8.39
CA ALA A 32 -8.73 15.86 -9.64
C ALA A 32 -7.60 14.85 -9.75
N ASP A 33 -7.89 13.75 -10.45
CA ASP A 33 -6.88 12.75 -10.78
C ASP A 33 -6.16 12.24 -9.53
N THR A 34 -6.92 12.06 -8.47
CA THR A 34 -6.37 11.55 -7.22
C THR A 34 -7.26 10.44 -6.69
N GLU A 35 -6.64 9.32 -6.36
CA GLU A 35 -7.33 8.11 -5.92
C GLU A 35 -7.01 7.86 -4.45
N VAL A 36 -8.03 7.78 -3.61
CA VAL A 36 -7.85 7.64 -2.16
C VAL A 36 -8.46 6.34 -1.69
N VAL A 37 -7.70 5.59 -0.87
CA VAL A 37 -8.07 4.28 -0.35
C VAL A 37 -7.73 4.27 1.13
N CYS A 38 -8.65 3.77 1.95
CA CYS A 38 -8.41 3.62 3.39
C CYS A 38 -8.51 2.14 3.76
N ALA A 39 -7.63 1.72 4.67
CA ALA A 39 -7.53 0.32 5.11
C ALA A 39 -7.82 0.23 6.59
N PRO A 40 -9.05 -0.08 6.99
CA PRO A 40 -9.41 -0.16 8.41
C PRO A 40 -8.96 -1.47 9.01
N PRO A 41 -8.92 -1.56 10.34
CA PRO A 41 -8.74 -2.87 10.96
C PRO A 41 -9.80 -3.82 10.48
N THR A 42 -9.48 -5.11 10.45
CA THR A 42 -10.39 -6.08 9.84
C THR A 42 -11.76 -6.14 10.48
N ALA A 43 -11.85 -5.91 11.79
CA ALA A 43 -13.14 -5.93 12.47
C ALA A 43 -14.04 -4.78 12.03
N TYR A 44 -13.51 -3.80 11.30
CA TYR A 44 -14.25 -2.60 10.92
C TYR A 44 -14.35 -2.37 9.42
N ILE A 45 -14.04 -3.37 8.60
CA ILE A 45 -14.10 -3.17 7.16
C ILE A 45 -15.51 -2.76 6.74
N ASP A 46 -16.50 -3.55 7.15
CA ASP A 46 -17.89 -3.30 6.78
C ASP A 46 -18.36 -1.96 7.35
N PHE A 47 -18.12 -1.76 8.65
CA PHE A 47 -18.45 -0.49 9.28
C PHE A 47 -17.89 0.70 8.49
N ALA A 48 -16.60 0.65 8.17
CA ALA A 48 -15.98 1.78 7.49
C ALA A 48 -16.55 1.97 6.09
N ARG A 49 -16.80 0.89 5.36
CA ARG A 49 -17.37 1.01 4.02
C ARG A 49 -18.76 1.63 4.09
N GLN A 50 -19.56 1.29 5.09
CA GLN A 50 -20.88 1.90 5.21
C GLN A 50 -20.78 3.41 5.45
N LYS A 51 -19.82 3.86 6.24
CA LYS A 51 -19.73 5.27 6.61
C LYS A 51 -18.94 6.13 5.61
N LEU A 52 -17.95 5.56 4.94
CA LEU A 52 -17.17 6.32 3.96
C LEU A 52 -18.00 6.53 2.70
N ASP A 53 -17.92 7.74 2.18
CA ASP A 53 -18.51 7.99 0.89
C ASP A 53 -17.79 7.17 -0.16
N PRO A 54 -18.50 6.72 -1.20
CA PRO A 54 -17.86 5.91 -2.25
C PRO A 54 -16.73 6.60 -2.97
N LYS A 55 -16.59 7.91 -2.88
CA LYS A 55 -15.41 8.56 -3.47
C LYS A 55 -14.11 8.03 -2.88
N ILE A 56 -14.16 7.42 -1.68
CA ILE A 56 -13.01 6.78 -1.05
C ILE A 56 -13.24 5.28 -1.08
N ALA A 57 -12.24 4.53 -1.54
CA ALA A 57 -12.33 3.08 -1.56
C ALA A 57 -11.83 2.50 -0.24
N VAL A 58 -12.24 1.28 0.05
CA VAL A 58 -11.83 0.58 1.26
C VAL A 58 -10.98 -0.63 0.90
N ALA A 59 -9.88 -0.79 1.64
CA ALA A 59 -8.98 -1.93 1.53
C ALA A 59 -8.99 -2.74 2.83
N ALA A 60 -8.96 -4.07 2.72
CA ALA A 60 -8.55 -4.87 3.85
C ALA A 60 -7.02 -4.76 4.01
N GLN A 61 -6.56 -5.00 5.25
CA GLN A 61 -5.15 -4.88 5.59
C GLN A 61 -4.36 -6.15 5.28
N ASN A 62 -5.04 -7.25 4.96
CA ASN A 62 -4.41 -8.54 4.68
C ASN A 62 -5.54 -9.48 4.27
N CYS A 63 -5.18 -10.64 3.71
CA CYS A 63 -6.14 -11.71 3.45
C CYS A 63 -5.33 -12.98 3.29
N TYR A 64 -6.02 -14.11 3.18
CA TYR A 64 -5.38 -15.39 2.91
C TYR A 64 -5.56 -15.78 1.43
N LYS A 65 -5.07 -16.97 1.10
CA LYS A 65 -4.79 -17.35 -0.29
C LYS A 65 -5.76 -18.34 -0.87
N VAL A 66 -6.82 -18.71 -0.15
CA VAL A 66 -7.92 -19.52 -0.66
C VAL A 66 -9.22 -18.88 -0.19
N THR A 67 -10.33 -19.34 -0.77
CA THR A 67 -11.58 -18.62 -0.58
C THR A 67 -12.29 -18.98 0.72
N ASN A 68 -12.04 -20.16 1.27
CA ASN A 68 -12.60 -20.63 2.52
C ASN A 68 -11.69 -21.73 3.02
N GLY A 69 -11.65 -21.95 4.32
CA GLY A 69 -10.93 -23.10 4.83
C GLY A 69 -10.61 -22.99 6.30
N ALA A 70 -9.81 -23.96 6.74
CA ALA A 70 -9.49 -24.17 8.15
C ALA A 70 -8.30 -23.31 8.53
N PHE A 71 -8.56 -22.00 8.59
CA PHE A 71 -7.53 -20.99 8.84
C PHE A 71 -8.08 -19.99 9.85
N THR A 72 -8.17 -20.45 11.11
CA THR A 72 -8.61 -19.61 12.21
C THR A 72 -7.84 -18.30 12.20
N GLY A 73 -8.58 -17.21 12.27
CA GLY A 73 -8.02 -15.87 12.31
C GLY A 73 -7.79 -15.19 10.98
N GLU A 74 -8.07 -15.88 9.87
CA GLU A 74 -7.87 -15.32 8.54
C GLU A 74 -9.19 -14.87 7.93
N ILE A 75 -9.07 -14.07 6.87
CA ILE A 75 -10.19 -13.70 6.02
C ILE A 75 -9.80 -13.91 4.57
N SER A 76 -10.80 -14.09 3.72
CA SER A 76 -10.53 -14.31 2.31
C SER A 76 -11.00 -13.14 1.46
N PRO A 77 -10.49 -13.03 0.23
CA PRO A 77 -11.01 -12.02 -0.71
C PRO A 77 -12.51 -12.02 -0.83
N GLY A 78 -13.15 -13.19 -0.85
CA GLY A 78 -14.59 -13.21 -0.96
C GLY A 78 -15.26 -12.50 0.18
N MET A 79 -14.71 -12.63 1.39
CA MET A 79 -15.27 -11.92 2.53
C MET A 79 -15.05 -10.42 2.42
N ILE A 80 -13.88 -10.01 1.95
CA ILE A 80 -13.58 -8.60 1.76
C ILE A 80 -14.60 -7.98 0.80
N LYS A 81 -14.83 -8.65 -0.33
CA LYS A 81 -15.80 -8.14 -1.29
C LYS A 81 -17.20 -8.11 -0.71
N ASP A 82 -17.58 -9.14 0.05
CA ASP A 82 -18.91 -9.21 0.66
C ASP A 82 -19.15 -8.06 1.64
N CYS A 83 -18.09 -7.52 2.22
CA CYS A 83 -18.13 -6.37 3.11
C CYS A 83 -18.05 -5.03 2.35
N GLY A 84 -17.99 -5.07 1.02
CA GLY A 84 -18.00 -3.89 0.18
C GLY A 84 -16.65 -3.28 -0.10
N ALA A 85 -15.57 -3.90 0.35
CA ALA A 85 -14.24 -3.42 0.06
C ALA A 85 -13.78 -3.91 -1.30
N THR A 86 -12.87 -3.15 -1.91
CA THR A 86 -12.44 -3.44 -3.28
C THR A 86 -10.94 -3.57 -3.44
N TRP A 87 -10.19 -3.40 -2.34
CA TRP A 87 -8.75 -3.54 -2.32
C TRP A 87 -8.32 -4.44 -1.17
N VAL A 88 -7.07 -4.92 -1.26
CA VAL A 88 -6.38 -5.51 -0.13
C VAL A 88 -4.91 -5.12 -0.20
N VAL A 89 -4.34 -4.82 0.96
CA VAL A 89 -2.90 -4.62 1.16
C VAL A 89 -2.28 -5.98 1.36
N LEU A 90 -1.25 -6.31 0.57
CA LEU A 90 -0.55 -7.59 0.70
C LEU A 90 0.94 -7.35 0.79
N GLY A 91 1.61 -8.16 1.60
CA GLY A 91 3.05 -8.06 1.73
C GLY A 91 3.52 -6.92 2.59
N HIS A 92 2.63 -6.28 3.35
CA HIS A 92 3.07 -5.20 4.22
C HIS A 92 4.25 -5.65 5.07
N SER A 93 5.17 -4.72 5.32
CA SER A 93 6.37 -5.01 6.09
C SER A 93 6.05 -5.64 7.45
N GLU A 94 4.96 -5.22 8.09
CA GLU A 94 4.61 -5.83 9.38
C GLU A 94 4.22 -7.28 9.21
N ARG A 95 3.51 -7.61 8.13
CA ARG A 95 3.20 -9.02 7.90
C ARG A 95 4.46 -9.83 7.62
N ARG A 96 5.39 -9.29 6.82
CA ARG A 96 6.61 -10.00 6.48
C ARG A 96 7.53 -10.17 7.67
N HIS A 97 7.72 -9.09 8.44
CA HIS A 97 8.82 -9.02 9.38
C HIS A 97 8.41 -9.08 10.84
N VAL A 98 7.17 -8.82 11.18
CA VAL A 98 6.67 -9.13 12.51
C VAL A 98 5.98 -10.49 12.53
N PHE A 99 5.22 -10.80 11.48
CA PHE A 99 4.42 -12.02 11.44
C PHE A 99 4.93 -13.09 10.51
N GLY A 100 6.10 -12.89 9.90
CA GLY A 100 6.79 -13.99 9.23
C GLY A 100 6.26 -14.45 7.88
N GLU A 101 5.44 -13.65 7.21
CA GLU A 101 4.89 -14.08 5.93
C GLU A 101 5.97 -14.14 4.85
N SER A 102 6.09 -15.28 4.15
CA SER A 102 7.12 -15.49 3.15
C SER A 102 6.73 -14.91 1.79
N ASP A 103 7.74 -14.66 0.93
CA ASP A 103 7.46 -14.26 -0.45
C ASP A 103 6.54 -15.25 -1.14
N GLU A 104 6.78 -16.55 -0.94
CA GLU A 104 5.94 -17.54 -1.60
C GLU A 104 4.47 -17.34 -1.22
N LEU A 105 4.20 -17.16 0.08
CA LEU A 105 2.82 -16.97 0.53
C LEU A 105 2.24 -15.69 -0.04
N ILE A 106 3.02 -14.62 -0.04
CA ILE A 106 2.53 -13.35 -0.56
C ILE A 106 2.14 -13.47 -2.02
N GLY A 107 2.97 -14.14 -2.81
CA GLY A 107 2.63 -14.36 -4.21
C GLY A 107 1.33 -15.13 -4.39
N GLN A 108 1.12 -16.14 -3.55
CA GLN A 108 -0.12 -16.91 -3.63
C GLN A 108 -1.30 -16.05 -3.24
N LYS A 109 -1.14 -15.20 -2.22
CA LYS A 109 -2.22 -14.30 -1.85
C LYS A 109 -2.54 -13.33 -2.97
N VAL A 110 -1.50 -12.77 -3.61
CA VAL A 110 -1.70 -11.83 -4.71
C VAL A 110 -2.52 -12.48 -5.82
N ALA A 111 -2.14 -13.71 -6.19
CA ALA A 111 -2.85 -14.39 -7.27
C ALA A 111 -4.32 -14.57 -6.92
N HIS A 112 -4.60 -15.00 -5.69
CA HIS A 112 -5.98 -15.28 -5.32
C HIS A 112 -6.79 -14.00 -5.20
N ALA A 113 -6.24 -13.00 -4.52
CA ALA A 113 -6.99 -11.74 -4.38
C ALA A 113 -7.31 -11.12 -5.73
N LEU A 114 -6.32 -11.09 -6.64
CA LEU A 114 -6.59 -10.53 -7.97
C LEU A 114 -7.62 -11.38 -8.72
N ALA A 115 -7.52 -12.69 -8.65
CA ALA A 115 -8.46 -13.55 -9.36
C ALA A 115 -9.88 -13.31 -8.89
N GLU A 116 -10.04 -12.98 -7.62
CA GLU A 116 -11.33 -12.72 -7.02
C GLU A 116 -11.82 -11.32 -7.25
N GLY A 117 -11.08 -10.48 -7.99
CA GLY A 117 -11.58 -9.18 -8.38
C GLY A 117 -11.14 -8.01 -7.54
N LEU A 118 -10.32 -8.23 -6.53
CA LEU A 118 -9.84 -7.12 -5.73
C LEU A 118 -8.68 -6.44 -6.44
N GLY A 119 -8.52 -5.16 -6.16
CA GLY A 119 -7.24 -4.51 -6.35
C GLY A 119 -6.27 -4.86 -5.25
N VAL A 120 -4.98 -4.85 -5.57
CA VAL A 120 -3.95 -5.16 -4.57
C VAL A 120 -2.97 -4.00 -4.48
N ILE A 121 -2.72 -3.53 -3.25
CA ILE A 121 -1.58 -2.68 -2.92
C ILE A 121 -0.52 -3.66 -2.44
N ALA A 122 0.45 -3.93 -3.30
CA ALA A 122 1.47 -4.94 -3.05
C ALA A 122 2.73 -4.24 -2.53
N CYS A 123 3.16 -4.60 -1.33
CA CYS A 123 4.24 -3.92 -0.63
C CYS A 123 5.52 -4.70 -0.73
N ILE A 124 6.62 -3.95 -0.94
CA ILE A 124 7.97 -4.49 -1.03
C ILE A 124 8.89 -3.58 -0.24
N GLY A 125 10.07 -4.08 0.06
CA GLY A 125 11.05 -3.23 0.73
C GLY A 125 12.13 -4.03 1.42
N GLU A 126 13.31 -3.46 1.55
CA GLU A 126 14.45 -4.15 2.14
C GLU A 126 14.65 -3.71 3.58
N LYS A 127 15.11 -4.65 4.39
CA LYS A 127 15.40 -4.43 5.81
C LYS A 127 16.76 -3.75 5.99
N LEU A 128 17.02 -3.37 7.24
CA LEU A 128 18.30 -2.80 7.64
C LEU A 128 19.49 -3.61 7.15
N ASP A 129 19.53 -4.91 7.48
CA ASP A 129 20.71 -5.67 7.15
C ASP A 129 20.88 -5.82 5.65
N GLU A 130 19.78 -5.83 4.92
CA GLU A 130 19.85 -5.92 3.47
C GLU A 130 20.37 -4.63 2.87
N ARG A 131 19.88 -3.48 3.36
CA ARG A 131 20.41 -2.20 2.93
C ARG A 131 21.91 -2.14 3.19
N GLU A 132 22.35 -2.48 4.42
CA GLU A 132 23.76 -2.36 4.73
C GLU A 132 24.62 -3.28 3.88
N ALA A 133 24.09 -4.43 3.47
CA ALA A 133 24.84 -5.36 2.65
C ALA A 133 24.87 -4.98 1.19
N GLY A 134 24.18 -3.91 0.81
CA GLY A 134 24.20 -3.41 -0.55
C GLY A 134 23.25 -4.13 -1.48
N ILE A 135 22.27 -4.85 -0.95
CA ILE A 135 21.43 -5.71 -1.77
C ILE A 135 20.00 -5.20 -1.87
N THR A 136 19.81 -3.88 -1.73
CA THR A 136 18.50 -3.28 -1.97
C THR A 136 17.86 -3.78 -3.25
N GLU A 137 18.57 -3.64 -4.37
CA GLU A 137 17.98 -3.98 -5.66
C GLU A 137 17.67 -5.47 -5.73
N LYS A 138 18.61 -6.30 -5.32
CA LYS A 138 18.34 -7.74 -5.36
C LYS A 138 17.09 -8.10 -4.58
N VAL A 139 16.92 -7.50 -3.40
CA VAL A 139 15.78 -7.84 -2.56
C VAL A 139 14.48 -7.35 -3.20
N VAL A 140 14.42 -6.06 -3.52
CA VAL A 140 13.14 -5.54 -3.97
C VAL A 140 12.80 -6.06 -5.36
N PHE A 141 13.81 -6.37 -6.19
CA PHE A 141 13.52 -6.96 -7.49
C PHE A 141 12.97 -8.36 -7.32
N GLU A 142 13.52 -9.15 -6.41
CA GLU A 142 12.97 -10.48 -6.21
C GLU A 142 11.56 -10.41 -5.64
N GLN A 143 11.29 -9.48 -4.72
CA GLN A 143 9.94 -9.34 -4.19
C GLN A 143 8.97 -8.93 -5.30
N THR A 144 9.39 -8.00 -6.14
CA THR A 144 8.53 -7.54 -7.22
C THR A 144 8.33 -8.62 -8.26
N LYS A 145 9.34 -9.45 -8.50
CA LYS A 145 9.18 -10.56 -9.42
C LYS A 145 8.13 -11.54 -8.92
N VAL A 146 8.15 -11.86 -7.63
CA VAL A 146 7.14 -12.77 -7.10
C VAL A 146 5.75 -12.20 -7.30
N ILE A 147 5.58 -10.91 -7.03
CA ILE A 147 4.30 -10.24 -7.27
C ILE A 147 3.94 -10.32 -8.75
N ALA A 148 4.85 -9.89 -9.62
CA ALA A 148 4.58 -9.83 -11.06
C ALA A 148 4.22 -11.19 -11.63
N ASP A 149 4.83 -12.26 -11.13
CA ASP A 149 4.53 -13.62 -11.57
C ASP A 149 3.12 -14.05 -11.22
N ASN A 150 2.43 -13.27 -10.39
CA ASN A 150 1.08 -13.60 -9.95
C ASN A 150 0.08 -12.55 -10.36
N VAL A 151 0.42 -11.70 -11.35
CA VAL A 151 -0.45 -10.64 -11.82
C VAL A 151 -0.84 -10.95 -13.26
N LYS A 152 -2.15 -11.00 -13.52
CA LYS A 152 -2.66 -11.14 -14.89
C LYS A 152 -3.05 -9.81 -15.50
N ASP A 153 -3.40 -8.84 -14.66
CA ASP A 153 -3.97 -7.56 -15.06
C ASP A 153 -3.34 -6.48 -14.19
N TRP A 154 -2.35 -5.77 -14.74
CA TRP A 154 -1.62 -4.77 -13.97
C TRP A 154 -2.45 -3.54 -13.63
N SER A 155 -3.60 -3.35 -14.26
CA SER A 155 -4.45 -2.21 -13.91
C SER A 155 -5.01 -2.35 -12.50
N LYS A 156 -4.95 -3.55 -11.93
CA LYS A 156 -5.48 -3.84 -10.62
C LYS A 156 -4.44 -3.79 -9.52
N VAL A 157 -3.21 -3.35 -9.80
CA VAL A 157 -2.09 -3.43 -8.88
C VAL A 157 -1.52 -2.04 -8.68
N VAL A 158 -1.17 -1.75 -7.44
CA VAL A 158 -0.31 -0.63 -7.06
C VAL A 158 0.83 -1.19 -6.25
N LEU A 159 2.07 -0.76 -6.54
CA LEU A 159 3.22 -1.19 -5.77
C LEU A 159 3.55 -0.15 -4.71
N ALA A 160 3.87 -0.61 -3.49
CA ALA A 160 4.21 0.28 -2.39
C ALA A 160 5.60 -0.08 -1.89
N TYR A 161 6.55 0.86 -2.01
CA TYR A 161 7.90 0.67 -1.51
C TYR A 161 7.98 1.14 -0.06
N GLU A 162 8.33 0.22 0.84
CA GLU A 162 8.52 0.54 2.25
C GLU A 162 10.00 0.48 2.56
N PRO A 163 10.63 1.58 2.99
CA PRO A 163 12.04 1.53 3.36
C PRO A 163 12.16 0.98 4.78
N VAL A 164 12.06 -0.34 4.89
CA VAL A 164 12.00 -0.99 6.20
C VAL A 164 13.27 -0.69 6.99
N TRP A 165 14.40 -0.59 6.28
CA TRP A 165 15.70 -0.20 6.83
C TRP A 165 15.69 1.17 7.50
N ALA A 166 14.68 1.98 7.25
CA ALA A 166 14.57 3.33 7.79
C ALA A 166 13.30 3.49 8.62
N ILE A 167 12.76 2.38 9.14
CA ILE A 167 11.59 2.39 10.01
C ILE A 167 11.94 1.63 11.28
N GLY A 168 12.05 2.36 12.39
CA GLY A 168 12.41 1.74 13.65
C GLY A 168 13.84 1.28 13.76
N THR A 169 14.76 1.91 13.03
CA THR A 169 16.18 1.53 13.05
C THR A 169 17.11 2.65 13.44
N GLY A 170 16.64 3.88 13.53
CA GLY A 170 17.51 5.01 13.66
C GLY A 170 17.98 5.61 12.36
N LYS A 171 17.66 5.00 11.22
CA LYS A 171 18.05 5.56 9.92
C LYS A 171 16.89 6.34 9.33
N THR A 172 17.21 7.45 8.67
N THR A 172 17.22 7.42 8.60
CA THR A 172 16.25 8.22 7.90
CA THR A 172 16.27 8.26 7.90
C THR A 172 16.44 7.92 6.42
C THR A 172 16.43 8.07 6.40
N ALA A 173 15.33 7.85 5.71
CA ALA A 173 15.35 7.80 4.26
C ALA A 173 15.09 9.20 3.73
N THR A 174 15.97 9.71 2.88
CA THR A 174 15.75 11.01 2.30
C THR A 174 14.86 10.89 1.07
N PRO A 175 14.24 11.99 0.63
CA PRO A 175 13.46 11.92 -0.62
C PRO A 175 14.26 11.41 -1.80
N GLN A 176 15.54 11.75 -1.88
CA GLN A 176 16.39 11.27 -2.96
C GLN A 176 16.59 9.76 -2.86
N GLN A 177 16.77 9.24 -1.64
CA GLN A 177 16.90 7.79 -1.48
C GLN A 177 15.62 7.05 -1.85
N ALA A 178 14.45 7.60 -1.50
CA ALA A 178 13.17 6.99 -1.90
C ALA A 178 13.03 7.00 -3.41
N GLN A 179 13.29 8.15 -4.03
CA GLN A 179 13.20 8.29 -5.48
C GLN A 179 14.11 7.28 -6.17
N GLU A 180 15.33 7.13 -5.65
CA GLU A 180 16.27 6.20 -6.26
C GLU A 180 15.72 4.79 -6.33
N VAL A 181 15.08 4.33 -5.25
CA VAL A 181 14.52 2.97 -5.30
C VAL A 181 13.31 2.90 -6.22
N HIS A 182 12.45 3.91 -6.18
CA HIS A 182 11.29 3.91 -7.06
C HIS A 182 11.72 3.88 -8.53
N GLU A 183 12.75 4.63 -8.90
CA GLU A 183 13.24 4.59 -10.27
C GLU A 183 13.73 3.20 -10.63
N LYS A 184 14.45 2.55 -9.72
CA LYS A 184 14.97 1.23 -9.98
C LYS A 184 13.84 0.23 -10.17
N LEU A 185 12.79 0.32 -9.33
CA LEU A 185 11.64 -0.54 -9.47
C LEU A 185 10.94 -0.33 -10.81
N ARG A 186 10.76 0.92 -11.21
CA ARG A 186 10.13 1.18 -12.51
C ARG A 186 10.97 0.61 -13.64
N GLY A 187 12.29 0.71 -13.52
CA GLY A 187 13.16 0.11 -14.52
C GLY A 187 13.08 -1.40 -14.55
N TRP A 188 12.86 -2.02 -13.39
CA TRP A 188 12.63 -3.47 -13.35
C TRP A 188 11.37 -3.83 -14.13
N LEU A 189 10.29 -3.07 -13.91
CA LEU A 189 9.06 -3.33 -14.65
C LEU A 189 9.28 -3.18 -16.15
N LYS A 190 10.04 -2.18 -16.56
CA LYS A 190 10.31 -1.96 -17.99
C LYS A 190 11.01 -3.16 -18.58
N SER A 191 12.04 -3.67 -17.91
CA SER A 191 12.88 -4.72 -18.46
C SER A 191 12.26 -6.10 -18.31
N ASN A 192 11.37 -6.30 -17.33
CA ASN A 192 10.89 -7.64 -17.04
C ASN A 192 9.41 -7.85 -17.30
N VAL A 193 8.63 -6.78 -17.45
CA VAL A 193 7.22 -6.90 -17.76
C VAL A 193 7.00 -6.24 -19.12
N SER A 194 6.98 -4.90 -19.15
CA SER A 194 6.95 -4.15 -20.40
C SER A 194 7.09 -2.67 -20.09
N ASP A 195 7.51 -1.90 -21.10
CA ASP A 195 7.52 -0.45 -20.93
C ASP A 195 6.16 0.09 -20.58
N ALA A 196 5.10 -0.43 -21.21
CA ALA A 196 3.77 0.09 -20.93
C ALA A 196 3.41 -0.10 -19.47
N VAL A 197 3.69 -1.29 -18.94
CA VAL A 197 3.38 -1.53 -17.53
C VAL A 197 4.21 -0.60 -16.64
N ALA A 198 5.49 -0.44 -16.97
CA ALA A 198 6.33 0.46 -16.19
C ALA A 198 5.75 1.88 -16.16
N GLN A 199 5.27 2.36 -17.30
CA GLN A 199 4.83 3.74 -17.38
C GLN A 199 3.49 3.95 -16.71
N SER A 200 2.65 2.92 -16.60
CA SER A 200 1.32 3.10 -16.05
C SER A 200 1.18 2.66 -14.60
N THR A 201 2.12 1.91 -14.04
CA THR A 201 1.92 1.36 -12.71
C THR A 201 2.31 2.41 -11.67
N ARG A 202 1.40 2.66 -10.73
CA ARG A 202 1.74 3.54 -9.61
C ARG A 202 2.69 2.82 -8.65
N ILE A 203 3.77 3.51 -8.27
CA ILE A 203 4.68 3.06 -7.24
C ILE A 203 4.61 4.12 -6.16
N ILE A 204 3.99 3.79 -5.04
CA ILE A 204 3.73 4.70 -3.94
C ILE A 204 4.73 4.45 -2.83
N TYR A 205 5.02 5.51 -2.07
CA TYR A 205 6.03 5.49 -1.03
C TYR A 205 5.40 5.18 0.31
N GLY A 206 5.97 4.21 1.00
CA GLY A 206 5.45 3.77 2.28
C GLY A 206 6.37 4.02 3.46
N GLY A 207 7.32 4.92 3.33
CA GLY A 207 8.08 5.40 4.46
C GLY A 207 7.40 6.56 5.15
N SER A 208 8.14 7.18 6.05
CA SER A 208 7.60 8.31 6.80
C SER A 208 7.17 9.44 5.89
N VAL A 209 5.94 9.90 6.10
CA VAL A 209 5.41 11.05 5.37
C VAL A 209 4.46 11.80 6.28
N THR A 210 4.58 13.11 6.27
CA THR A 210 3.78 14.00 7.07
C THR A 210 3.30 15.14 6.18
N GLY A 211 2.41 15.96 6.74
CA GLY A 211 1.98 17.13 5.99
C GLY A 211 3.14 18.01 5.59
N ALA A 212 4.18 18.07 6.43
CA ALA A 212 5.31 18.93 6.17
C ALA A 212 6.28 18.38 5.13
N THR A 213 6.29 17.07 4.89
CA THR A 213 7.23 16.47 3.95
C THR A 213 6.57 15.93 2.69
N CYS A 214 5.24 15.89 2.62
CA CYS A 214 4.57 15.15 1.56
C CYS A 214 4.75 15.82 0.19
N LYS A 215 4.78 17.16 0.13
CA LYS A 215 4.89 17.81 -1.18
C LYS A 215 6.24 17.52 -1.82
N GLU A 216 7.31 17.56 -1.03
CA GLU A 216 8.62 17.26 -1.59
C GLU A 216 8.70 15.81 -2.04
N LEU A 217 8.16 14.87 -1.25
CA LEU A 217 8.17 13.48 -1.66
C LEU A 217 7.34 13.26 -2.91
N ALA A 218 6.17 13.89 -2.99
CA ALA A 218 5.28 13.70 -4.12
C ALA A 218 5.88 14.26 -5.39
N SER A 219 6.76 15.25 -5.27
CA SER A 219 7.38 15.84 -6.45
C SER A 219 8.47 14.96 -7.05
N GLN A 220 8.89 13.92 -6.34
CA GLN A 220 9.88 13.02 -6.91
C GLN A 220 9.28 12.33 -8.13
N PRO A 221 10.02 12.22 -9.23
CA PRO A 221 9.37 11.83 -10.49
C PRO A 221 8.82 10.43 -10.51
N ASP A 222 9.35 9.51 -9.71
CA ASP A 222 8.87 8.13 -9.71
C ASP A 222 8.09 7.78 -8.45
N VAL A 223 7.75 8.76 -7.63
CA VAL A 223 6.89 8.60 -6.46
C VAL A 223 5.48 9.03 -6.84
N ASP A 224 4.55 8.07 -6.87
CA ASP A 224 3.22 8.29 -7.41
C ASP A 224 2.14 8.41 -6.34
N GLY A 225 2.54 8.61 -5.09
CA GLY A 225 1.64 8.69 -3.97
C GLY A 225 2.24 8.03 -2.76
N PHE A 226 1.38 7.64 -1.83
CA PHE A 226 1.81 7.23 -0.51
C PHE A 226 0.95 6.09 -0.02
N LEU A 227 1.55 5.21 0.78
CA LEU A 227 0.81 4.35 1.71
C LEU A 227 1.17 4.87 3.10
N VAL A 228 0.25 5.63 3.67
CA VAL A 228 0.48 6.41 4.89
C VAL A 228 0.15 5.53 6.08
N GLY A 229 1.03 5.54 7.10
CA GLY A 229 0.77 4.91 8.38
C GLY A 229 0.10 5.86 9.35
N GLY A 230 0.83 6.34 10.38
CA GLY A 230 0.18 6.98 11.52
C GLY A 230 -0.60 8.25 11.19
N ALA A 231 -0.10 9.05 10.23
CA ALA A 231 -0.80 10.26 9.87
C ALA A 231 -2.15 9.99 9.26
N SER A 232 -2.42 8.74 8.84
CA SER A 232 -3.71 8.43 8.24
C SER A 232 -4.86 8.48 9.24
N LEU A 233 -4.55 8.50 10.53
CA LEU A 233 -5.55 8.56 11.60
C LEU A 233 -5.92 9.97 11.99
N LYS A 234 -5.32 10.97 11.37
CA LYS A 234 -5.41 12.36 11.80
C LYS A 234 -5.84 13.23 10.63
N PRO A 235 -6.36 14.43 10.92
CA PRO A 235 -6.78 15.33 9.82
C PRO A 235 -5.65 15.69 8.86
N GLU A 236 -4.40 15.60 9.31
CA GLU A 236 -3.23 15.81 8.47
C GLU A 236 -3.25 14.92 7.22
N PHE A 237 -3.93 13.76 7.29
CA PHE A 237 -4.06 12.92 6.10
C PHE A 237 -4.64 13.69 4.92
N VAL A 238 -5.53 14.64 5.17
CA VAL A 238 -6.11 15.41 4.07
C VAL A 238 -5.03 16.26 3.40
N ASP A 239 -4.09 16.78 4.18
CA ASP A 239 -2.99 17.52 3.55
C ASP A 239 -2.17 16.60 2.65
N ILE A 240 -1.99 15.34 3.05
CA ILE A 240 -1.23 14.40 2.25
C ILE A 240 -1.98 14.06 0.95
N ILE A 241 -3.31 13.93 1.02
CA ILE A 241 -4.11 13.76 -0.19
C ILE A 241 -3.82 14.89 -1.18
N ASN A 242 -3.55 16.08 -0.67
CA ASN A 242 -3.29 17.28 -1.46
C ASN A 242 -1.82 17.52 -1.73
N ALA A 243 -0.98 16.48 -1.65
CA ALA A 243 0.46 16.66 -1.78
C ALA A 243 0.89 17.21 -3.14
N LYS A 244 0.12 16.97 -4.20
CA LYS A 244 0.48 17.49 -5.53
C LYS A 244 -0.04 18.89 -5.78
N GLN A 245 -0.89 19.40 -4.89
CA GLN A 245 -1.49 20.70 -5.10
C GLN A 245 -0.50 21.81 -4.77
C1 DXX B . 9.85 -4.13 10.61
O1 DXX B . 11.06 -4.49 10.47
OXT DXX B . 8.88 -4.90 10.82
CA DXX B . 9.36 -2.65 10.56
CB DXX B . 8.44 -2.41 11.77
C DXX B . 8.61 -2.12 9.31
O DXX B . 7.38 -1.83 9.36
O2 DXX B . 9.32 -2.03 8.29
HA DXX B . 10.14 -2.10 10.68
HB1 DXX B . 8.79 -2.84 12.57
HB2 DXX B . 7.55 -2.77 11.61
HB3 DXX B . 8.35 -1.47 11.96
BR BR C . 20.58 7.97 8.25
#